data_5AZF
#
_entry.id   5AZF
#
_cell.length_a   95.280
_cell.length_b   112.146
_cell.length_c   35.859
_cell.angle_alpha   90.00
_cell.angle_beta   90.00
_cell.angle_gamma   90.00
#
_symmetry.space_group_name_H-M   'P 21 21 2'
#
loop_
_entity.id
_entity.type
_entity.pdbx_description
1 polymer 'Protein lgg-1'
2 polymer 'peptide from Autophagy-related protein 19'
3 non-polymer 'CADMIUM ION'
4 non-polymer 'SULFATE ION'
5 water water
#
loop_
_entity_poly.entity_id
_entity_poly.type
_entity_poly.pdbx_seq_one_letter_code
_entity_poly.pdbx_strand_id
1 'polypeptide(L)'
;GPHMKWAYKEENNFEKRRAEGDKIRRKYPDRIPVIVEKAPKSKLHDLDKKKYLVPSDLTVGQFYFLIRKRIQLRPEDALF
FFVNNVIPQTMTTMGQLYQDHHEEDLFLYIAYSDESVYG
;
A,B
2 'polypeptide(L)' WEEL C,D
#
# COMPACT_ATOMS: atom_id res chain seq x y z
N GLY A 1 -8.53 4.11 -7.10
CA GLY A 1 -7.90 5.08 -6.17
C GLY A 1 -6.39 5.10 -6.29
N PRO A 2 -5.74 6.08 -5.67
CA PRO A 2 -4.28 6.20 -5.74
C PRO A 2 -3.55 5.09 -4.98
N HIS A 3 -2.35 4.74 -5.45
CA HIS A 3 -1.58 3.72 -4.77
C HIS A 3 -0.88 4.43 -3.61
N MET A 4 -1.42 4.21 -2.41
CA MET A 4 -0.91 4.83 -1.20
C MET A 4 0.19 4.06 -0.50
N LYS A 5 1.15 4.79 0.02
CA LYS A 5 2.22 4.19 0.78
C LYS A 5 2.14 4.99 2.09
N TRP A 6 1.15 4.62 2.89
CA TRP A 6 0.85 5.27 4.16
C TRP A 6 2.02 5.40 5.12
N ALA A 7 2.39 6.64 5.42
CA ALA A 7 3.49 6.91 6.33
C ALA A 7 3.18 6.30 7.70
N TYR A 8 1.90 6.26 8.06
CA TYR A 8 1.51 5.69 9.34
C TYR A 8 1.85 4.20 9.42
N LYS A 9 1.70 3.51 8.30
CA LYS A 9 1.99 2.07 8.25
C LYS A 9 3.48 1.79 8.03
N GLU A 10 4.17 2.72 7.39
CA GLU A 10 5.60 2.56 7.15
C GLU A 10 6.33 2.67 8.49
N GLU A 11 5.85 3.59 9.32
CA GLU A 11 6.44 3.84 10.64
C GLU A 11 6.04 2.83 11.71
N ASN A 12 4.83 2.29 11.63
CA ASN A 12 4.35 1.34 12.63
C ASN A 12 3.81 0.05 12.04
N ASN A 13 4.28 -1.10 12.53
CA ASN A 13 3.78 -2.38 12.02
C ASN A 13 2.36 -2.62 12.52
N PHE A 14 1.73 -3.67 12.03
CA PHE A 14 0.35 -3.98 12.41
C PHE A 14 0.13 -4.12 13.91
N GLU A 15 0.99 -4.88 14.58
CA GLU A 15 0.81 -5.07 16.02
C GLU A 15 0.77 -3.75 16.78
N LYS A 16 1.68 -2.85 16.45
CA LYS A 16 1.76 -1.55 17.10
C LYS A 16 0.53 -0.71 16.77
N ARG A 17 0.09 -0.77 15.51
CA ARG A 17 -1.09 -0.02 15.09
C ARG A 17 -2.37 -0.55 15.73
N ARG A 18 -2.49 -1.87 15.81
CA ARG A 18 -3.68 -2.46 16.41
C ARG A 18 -3.73 -2.17 17.91
N ALA A 19 -2.57 -2.08 18.54
CA ALA A 19 -2.51 -1.77 19.97
C ALA A 19 -3.04 -0.35 20.16
N GLU A 20 -2.64 0.56 19.27
CA GLU A 20 -3.09 1.94 19.34
C GLU A 20 -4.59 1.95 19.04
N GLY A 21 -5.00 1.14 18.08
CA GLY A 21 -6.41 1.07 17.72
C GLY A 21 -7.26 0.64 18.89
N ASP A 22 -6.80 -0.38 19.62
CA ASP A 22 -7.54 -0.87 20.78
C ASP A 22 -7.65 0.22 21.84
N LYS A 23 -6.57 0.95 22.03
CA LYS A 23 -6.52 2.02 23.02
C LYS A 23 -7.46 3.17 22.67
N ILE A 24 -7.49 3.54 21.39
CA ILE A 24 -8.34 4.63 20.94
C ILE A 24 -9.82 4.28 21.01
N ARG A 25 -10.16 3.03 20.66
CA ARG A 25 -11.55 2.61 20.71
C ARG A 25 -12.02 2.48 22.16
N ARG A 26 -11.08 2.22 23.05
CA ARG A 26 -11.36 2.09 24.48
C ARG A 26 -11.55 3.43 25.18
N LYS A 27 -10.66 4.37 24.88
CA LYS A 27 -10.69 5.69 25.51
C LYS A 27 -11.64 6.70 24.91
N TYR A 28 -11.86 6.62 23.60
CA TYR A 28 -12.76 7.57 22.93
C TYR A 28 -13.79 6.85 22.07
N PRO A 29 -14.67 6.04 22.69
CA PRO A 29 -15.69 5.28 21.98
C PRO A 29 -16.74 6.12 21.25
N ASP A 30 -16.85 7.40 21.61
CA ASP A 30 -17.82 8.29 20.99
C ASP A 30 -17.23 9.00 19.78
N ARG A 31 -16.06 8.56 19.35
CA ARG A 31 -15.39 9.17 18.21
C ARG A 31 -14.86 8.15 17.21
N ILE A 32 -14.83 8.56 15.95
CA ILE A 32 -14.32 7.72 14.86
C ILE A 32 -12.88 8.16 14.60
N PRO A 33 -11.92 7.23 14.74
CA PRO A 33 -10.51 7.53 14.51
C PRO A 33 -10.14 7.33 13.04
N VAL A 34 -9.60 8.37 12.43
CA VAL A 34 -9.24 8.30 11.02
C VAL A 34 -7.78 8.68 10.78
N ILE A 35 -7.15 8.00 9.82
CA ILE A 35 -5.78 8.29 9.45
C ILE A 35 -5.96 8.94 8.08
N VAL A 36 -5.52 10.20 7.97
CA VAL A 36 -5.68 10.95 6.74
C VAL A 36 -4.33 11.30 6.12
N GLU A 37 -4.14 10.90 4.86
CA GLU A 37 -2.90 11.17 4.17
C GLU A 37 -3.15 11.55 2.71
N LYS A 38 -2.22 12.32 2.15
CA LYS A 38 -2.32 12.80 0.78
C LYS A 38 -1.78 11.81 -0.25
N ALA A 39 -2.45 11.73 -1.38
CA ALA A 39 -2.02 10.84 -2.46
C ALA A 39 -0.65 11.27 -2.92
N PRO A 40 0.22 10.31 -3.26
CA PRO A 40 1.55 10.67 -3.70
C PRO A 40 1.48 11.54 -4.97
N LYS A 41 2.39 12.51 -5.05
CA LYS A 41 2.49 13.44 -6.18
C LYS A 41 1.41 14.51 -6.27
N SER A 42 0.43 14.49 -5.36
CA SER A 42 -0.61 15.51 -5.41
C SER A 42 -0.03 16.86 -5.02
N LYS A 43 -0.43 17.88 -5.77
CA LYS A 43 0.01 19.25 -5.55
C LYS A 43 -0.67 19.93 -4.38
N LEU A 44 -1.69 19.29 -3.82
CA LEU A 44 -2.40 19.86 -2.69
C LEU A 44 -1.47 20.02 -1.50
N HIS A 45 -1.82 20.94 -0.61
CA HIS A 45 -1.03 21.19 0.59
C HIS A 45 -1.07 19.99 1.54
N ASP A 46 0.02 19.78 2.26
CA ASP A 46 0.08 18.67 3.20
C ASP A 46 -0.59 19.06 4.50
N LEU A 47 -1.05 18.05 5.23
CA LEU A 47 -1.70 18.27 6.53
C LEU A 47 -0.60 18.22 7.58
N ASP A 48 -0.77 19.00 8.64
CA ASP A 48 0.21 19.03 9.72
C ASP A 48 0.25 17.69 10.45
N LYS A 49 -0.92 17.08 10.61
CA LYS A 49 -1.04 15.80 11.30
C LYS A 49 -1.87 14.83 10.46
N LYS A 50 -1.84 13.56 10.83
CA LYS A 50 -2.59 12.56 10.09
C LYS A 50 -3.64 11.84 10.94
N LYS A 51 -3.52 11.95 12.26
CA LYS A 51 -4.47 11.29 13.18
C LYS A 51 -5.58 12.22 13.65
N TYR A 52 -6.81 11.92 13.24
CA TYR A 52 -7.95 12.75 13.61
C TYR A 52 -9.09 11.95 14.22
N LEU A 53 -9.90 12.62 15.02
CA LEU A 53 -11.07 12.00 15.64
C LEU A 53 -12.26 12.81 15.11
N VAL A 54 -13.30 12.12 14.65
CA VAL A 54 -14.47 12.80 14.12
C VAL A 54 -15.75 12.17 14.68
N PRO A 55 -16.82 12.96 14.77
CA PRO A 55 -18.10 12.47 15.27
C PRO A 55 -18.63 11.40 14.32
N SER A 56 -19.31 10.40 14.87
CA SER A 56 -19.88 9.32 14.06
C SER A 56 -20.92 9.82 13.06
N ASP A 57 -21.63 10.88 13.40
CA ASP A 57 -22.66 11.41 12.51
C ASP A 57 -22.19 12.46 11.50
N LEU A 58 -20.90 12.77 11.51
CA LEU A 58 -20.35 13.73 10.55
C LEU A 58 -20.43 13.09 9.17
N THR A 59 -20.95 13.82 8.18
CA THR A 59 -21.05 13.26 6.84
C THR A 59 -19.77 13.49 6.05
N VAL A 60 -19.62 12.77 4.95
CA VAL A 60 -18.44 12.90 4.10
C VAL A 60 -18.44 14.34 3.58
N GLY A 61 -19.61 14.87 3.30
CA GLY A 61 -19.70 16.24 2.82
C GLY A 61 -19.16 17.25 3.81
N GLN A 62 -19.49 17.07 5.08
CA GLN A 62 -19.04 17.97 6.14
C GLN A 62 -17.55 17.74 6.39
N PHE A 63 -17.10 16.52 6.12
CA PHE A 63 -15.71 16.16 6.30
C PHE A 63 -14.90 16.91 5.24
N TYR A 64 -15.41 16.96 4.01
CA TYR A 64 -14.75 17.67 2.91
C TYR A 64 -14.54 19.13 3.31
N PHE A 65 -15.55 19.71 3.94
CA PHE A 65 -15.48 21.10 4.38
C PHE A 65 -14.34 21.33 5.37
N LEU A 66 -14.25 20.48 6.38
CA LEU A 66 -13.20 20.61 7.39
C LEU A 66 -11.82 20.45 6.80
N ILE A 67 -11.66 19.50 5.88
CA ILE A 67 -10.37 19.28 5.24
C ILE A 67 -9.99 20.46 4.35
N ARG A 68 -10.96 20.96 3.58
CA ARG A 68 -10.69 22.10 2.71
C ARG A 68 -10.10 23.25 3.49
N LYS A 69 -10.61 23.47 4.71
CA LYS A 69 -10.10 24.55 5.54
C LYS A 69 -8.67 24.27 5.97
N ARG A 70 -8.43 23.05 6.43
CA ARG A 70 -7.11 22.66 6.88
C ARG A 70 -6.03 22.70 5.80
N ILE A 71 -6.39 22.48 4.54
CA ILE A 71 -5.38 22.53 3.47
C ILE A 71 -5.55 23.77 2.60
N GLN A 72 -6.21 24.79 3.15
CA GLN A 72 -6.42 26.05 2.47
C GLN A 72 -6.94 25.95 1.04
N LEU A 73 -8.02 25.19 0.85
CA LEU A 73 -8.61 25.03 -0.48
C LEU A 73 -9.92 25.80 -0.50
N ARG A 74 -10.30 26.26 -1.68
CA ARG A 74 -11.56 26.99 -1.83
C ARG A 74 -12.64 26.02 -2.29
N PRO A 75 -13.91 26.37 -2.08
CA PRO A 75 -15.02 25.51 -2.48
C PRO A 75 -14.95 25.03 -3.92
N GLU A 76 -14.44 25.89 -4.81
CA GLU A 76 -14.35 25.53 -6.22
C GLU A 76 -13.09 24.76 -6.63
N ASP A 77 -12.21 24.47 -5.69
CA ASP A 77 -11.00 23.71 -6.01
C ASP A 77 -11.28 22.22 -5.89
N ALA A 78 -10.71 21.44 -6.80
CA ALA A 78 -10.91 19.99 -6.81
C ALA A 78 -10.31 19.29 -5.60
N LEU A 79 -11.13 18.45 -4.97
CA LEU A 79 -10.72 17.67 -3.80
C LEU A 79 -11.52 16.37 -3.83
N PHE A 80 -10.82 15.25 -3.75
CA PHE A 80 -11.46 13.95 -3.76
C PHE A 80 -10.92 13.07 -2.63
N PHE A 81 -11.79 12.25 -2.06
CA PHE A 81 -11.37 11.34 -1.01
C PHE A 81 -11.48 9.91 -1.52
N PHE A 82 -10.65 9.03 -0.99
CA PHE A 82 -10.70 7.63 -1.35
C PHE A 82 -10.69 6.80 -0.07
N VAL A 83 -11.68 5.92 0.05
CA VAL A 83 -11.79 5.03 1.19
C VAL A 83 -11.93 3.63 0.60
N ASN A 84 -11.09 2.71 1.05
CA ASN A 84 -11.14 1.35 0.51
C ASN A 84 -10.84 1.47 -0.99
N ASN A 85 -9.97 2.42 -1.31
CA ASN A 85 -9.53 2.70 -2.68
C ASN A 85 -10.59 3.21 -3.65
N VAL A 86 -11.74 3.66 -3.14
CA VAL A 86 -12.79 4.20 -4.01
C VAL A 86 -13.37 5.49 -3.41
N ILE A 87 -14.08 6.25 -4.22
CA ILE A 87 -14.67 7.52 -3.77
C ILE A 87 -16.00 7.30 -3.06
N PRO A 88 -16.13 7.80 -1.81
CA PRO A 88 -17.36 7.65 -1.02
C PRO A 88 -18.42 8.67 -1.41
N GLN A 89 -19.66 8.43 -1.00
CA GLN A 89 -20.73 9.38 -1.28
C GLN A 89 -20.76 10.44 -0.20
N THR A 90 -21.11 11.66 -0.59
CA THR A 90 -21.13 12.77 0.37
C THR A 90 -22.11 12.64 1.52
N MET A 91 -23.19 11.89 1.33
CA MET A 91 -24.19 11.73 2.39
C MET A 91 -23.87 10.65 3.42
N THR A 92 -22.88 9.81 3.12
CA THR A 92 -22.49 8.75 4.05
C THR A 92 -21.84 9.39 5.28
N THR A 93 -22.09 8.82 6.46
CA THR A 93 -21.49 9.37 7.68
C THR A 93 -20.17 8.66 7.97
N MET A 94 -19.34 9.30 8.79
CA MET A 94 -18.05 8.73 9.17
C MET A 94 -18.25 7.40 9.91
N GLY A 95 -19.31 7.35 10.70
CA GLY A 95 -19.60 6.15 11.46
C GLY A 95 -19.96 5.01 10.51
N GLN A 96 -20.67 5.34 9.44
CA GLN A 96 -21.05 4.31 8.48
C GLN A 96 -19.82 3.84 7.71
N LEU A 97 -18.94 4.75 7.32
CA LEU A 97 -17.73 4.37 6.61
C LEU A 97 -16.87 3.49 7.51
N TYR A 98 -16.78 3.86 8.79
CA TYR A 98 -15.98 3.09 9.71
C TYR A 98 -16.52 1.67 9.87
N GLN A 99 -17.83 1.57 10.04
CA GLN A 99 -18.47 0.27 10.21
C GLN A 99 -18.19 -0.67 9.03
N ASP A 100 -18.22 -0.13 7.82
CA ASP A 100 -18.00 -0.94 6.61
C ASP A 100 -16.55 -1.10 6.17
N HIS A 101 -15.72 -0.11 6.46
CA HIS A 101 -14.35 -0.15 5.96
C HIS A 101 -13.16 0.04 6.89
N HIS A 102 -13.38 0.00 8.20
CA HIS A 102 -12.24 0.18 9.09
C HIS A 102 -11.24 -0.95 8.86
N GLU A 103 -9.96 -0.62 9.00
CA GLU A 103 -8.87 -1.56 8.81
C GLU A 103 -8.83 -2.50 10.03
N GLU A 104 -8.08 -3.59 9.90
CA GLU A 104 -7.98 -4.54 11.00
C GLU A 104 -7.25 -3.97 12.21
N ASP A 105 -6.62 -2.81 12.06
CA ASP A 105 -5.93 -2.18 13.18
C ASP A 105 -6.91 -1.25 13.90
N LEU A 106 -8.17 -1.30 13.43
CA LEU A 106 -9.27 -0.52 13.98
C LEU A 106 -9.33 0.96 13.62
N PHE A 107 -8.62 1.34 12.54
CA PHE A 107 -8.64 2.72 12.09
C PHE A 107 -9.29 2.79 10.73
N LEU A 108 -9.86 3.96 10.41
CA LEU A 108 -10.45 4.17 9.10
C LEU A 108 -9.44 5.02 8.34
N TYR A 109 -9.03 4.55 7.16
CA TYR A 109 -8.04 5.28 6.36
C TYR A 109 -8.71 6.08 5.25
N ILE A 110 -8.32 7.34 5.12
CA ILE A 110 -8.86 8.22 4.09
C ILE A 110 -7.72 8.93 3.36
N ALA A 111 -7.69 8.79 2.04
CA ALA A 111 -6.67 9.44 1.24
C ALA A 111 -7.32 10.62 0.54
N TYR A 112 -6.59 11.72 0.38
CA TYR A 112 -7.17 12.87 -0.33
C TYR A 112 -6.28 13.27 -1.48
N SER A 113 -6.89 13.83 -2.52
CA SER A 113 -6.16 14.25 -3.70
C SER A 113 -6.95 15.26 -4.50
N ASP A 114 -6.26 15.87 -5.46
CA ASP A 114 -6.90 16.85 -6.34
C ASP A 114 -7.34 16.11 -7.60
N GLU A 115 -6.95 14.84 -7.71
CA GLU A 115 -7.33 14.04 -8.87
C GLU A 115 -8.30 12.93 -8.49
N SER A 116 -9.24 12.67 -9.38
CA SER A 116 -10.29 11.69 -9.14
C SER A 116 -10.07 10.28 -9.68
N VAL A 117 -9.15 10.14 -10.64
CA VAL A 117 -8.89 8.84 -11.24
C VAL A 117 -7.40 8.48 -11.31
N TYR A 118 -7.09 7.24 -10.93
CA TYR A 118 -5.71 6.74 -10.92
C TYR A 118 -5.56 5.39 -11.61
N GLY A 119 -4.40 5.17 -12.22
CA GLY A 119 -4.14 3.90 -12.86
C GLY A 119 -3.49 2.93 -11.90
N GLY B 1 -1.75 -1.16 -11.62
CA GLY B 1 -1.47 -2.39 -10.85
C GLY B 1 -2.40 -2.57 -9.67
N PRO B 2 -2.37 -3.75 -9.04
CA PRO B 2 -3.23 -4.03 -7.89
C PRO B 2 -2.86 -3.23 -6.65
N HIS B 3 -3.86 -2.95 -5.81
CA HIS B 3 -3.61 -2.23 -4.57
C HIS B 3 -3.14 -3.30 -3.60
N MET B 4 -1.84 -3.29 -3.32
CA MET B 4 -1.20 -4.27 -2.46
C MET B 4 -1.17 -3.92 -0.99
N LYS B 5 -1.38 -4.95 -0.17
CA LYS B 5 -1.30 -4.84 1.28
C LYS B 5 -0.23 -5.87 1.61
N TRP B 6 1.03 -5.46 1.43
CA TRP B 6 2.18 -6.33 1.66
C TRP B 6 2.28 -6.88 3.07
N ALA B 7 2.12 -8.19 3.19
CA ALA B 7 2.22 -8.85 4.47
C ALA B 7 3.59 -8.55 5.07
N TYR B 8 4.60 -8.43 4.22
CA TYR B 8 5.94 -8.15 4.71
C TYR B 8 6.04 -6.79 5.40
N LYS B 9 5.34 -5.79 4.87
CA LYS B 9 5.35 -4.45 5.45
C LYS B 9 4.40 -4.34 6.62
N GLU B 10 3.41 -5.24 6.66
CA GLU B 10 2.43 -5.25 7.74
C GLU B 10 3.11 -5.80 8.99
N GLU B 11 3.97 -6.79 8.79
CA GLU B 11 4.66 -7.44 9.89
C GLU B 11 5.93 -6.71 10.35
N ASN B 12 6.57 -6.00 9.44
CA ASN B 12 7.80 -5.27 9.77
C ASN B 12 7.79 -3.80 9.33
N ASN B 13 8.04 -2.89 10.26
CA ASN B 13 8.05 -1.47 9.90
C ASN B 13 9.26 -1.14 9.03
N PHE B 14 9.33 0.10 8.57
CA PHE B 14 10.43 0.51 7.71
C PHE B 14 11.80 0.34 8.34
N GLU B 15 11.94 0.80 9.57
CA GLU B 15 13.22 0.70 10.27
C GLU B 15 13.75 -0.73 10.27
N LYS B 16 12.88 -1.67 10.63
CA LYS B 16 13.27 -3.07 10.66
C LYS B 16 13.57 -3.63 9.26
N ARG B 17 12.77 -3.22 8.29
CA ARG B 17 12.99 -3.69 6.92
C ARG B 17 14.31 -3.15 6.36
N ARG B 18 14.57 -1.87 6.57
CA ARG B 18 15.80 -1.28 6.09
C ARG B 18 16.99 -1.97 6.74
N ALA B 19 16.83 -2.33 8.01
CA ALA B 19 17.90 -3.02 8.74
C ALA B 19 18.22 -4.35 8.04
N GLU B 20 17.18 -5.06 7.64
CA GLU B 20 17.35 -6.34 6.96
C GLU B 20 17.95 -6.06 5.58
N GLY B 21 17.48 -4.99 4.93
CA GLY B 21 17.99 -4.62 3.63
C GLY B 21 19.48 -4.34 3.66
N ASP B 22 19.93 -3.64 4.70
CA ASP B 22 21.35 -3.33 4.85
C ASP B 22 22.14 -4.62 5.02
N LYS B 23 21.66 -5.50 5.87
CA LYS B 23 22.35 -6.77 6.11
C LYS B 23 22.48 -7.61 4.85
N ILE B 24 21.38 -7.72 4.10
CA ILE B 24 21.40 -8.51 2.87
C ILE B 24 22.28 -7.89 1.79
N ARG B 25 22.27 -6.56 1.70
CA ARG B 25 23.07 -5.86 0.71
C ARG B 25 24.56 -6.14 0.94
N ARG B 26 24.97 -6.21 2.19
CA ARG B 26 26.37 -6.49 2.53
C ARG B 26 26.73 -7.97 2.46
N LYS B 27 25.80 -8.81 2.90
CA LYS B 27 26.02 -10.25 2.91
C LYS B 27 26.13 -10.86 1.50
N TYR B 28 25.18 -10.51 0.64
CA TYR B 28 25.14 -11.02 -0.73
C TYR B 28 25.07 -9.82 -1.68
N PRO B 29 26.17 -9.07 -1.81
CA PRO B 29 26.23 -7.89 -2.67
C PRO B 29 25.91 -8.05 -4.15
N ASP B 30 26.09 -9.25 -4.69
CA ASP B 30 25.83 -9.49 -6.11
C ASP B 30 24.44 -10.07 -6.37
N ARG B 31 23.62 -10.16 -5.34
CA ARG B 31 22.28 -10.69 -5.48
C ARG B 31 21.23 -9.61 -5.33
N ILE B 32 20.07 -9.86 -5.92
CA ILE B 32 18.96 -8.93 -5.88
C ILE B 32 17.90 -9.48 -4.92
N PRO B 33 17.67 -8.79 -3.79
CA PRO B 33 16.67 -9.23 -2.81
C PRO B 33 15.28 -8.78 -3.23
N VAL B 34 14.41 -9.75 -3.47
CA VAL B 34 13.06 -9.50 -3.92
C VAL B 34 12.00 -10.03 -2.96
N ILE B 35 10.95 -9.23 -2.74
CA ILE B 35 9.82 -9.60 -1.91
C ILE B 35 8.70 -9.84 -2.92
N VAL B 36 8.17 -11.06 -2.94
CA VAL B 36 7.13 -11.41 -3.90
C VAL B 36 5.83 -11.79 -3.19
N GLU B 37 4.74 -11.11 -3.53
CA GLU B 37 3.44 -11.41 -2.93
C GLU B 37 2.34 -11.39 -3.98
N LYS B 38 1.26 -12.11 -3.70
CA LYS B 38 0.14 -12.20 -4.64
C LYS B 38 -0.86 -11.04 -4.51
N ALA B 39 -1.38 -10.60 -5.65
CA ALA B 39 -2.37 -9.53 -5.68
C ALA B 39 -3.62 -9.99 -4.93
N PRO B 40 -4.26 -9.08 -4.20
CA PRO B 40 -5.47 -9.44 -3.45
C PRO B 40 -6.56 -10.01 -4.36
N LYS B 41 -7.25 -11.03 -3.85
CA LYS B 41 -8.34 -11.67 -4.57
C LYS B 41 -7.97 -12.52 -5.79
N SER B 42 -6.69 -12.60 -6.12
CA SER B 42 -6.29 -13.41 -7.26
C SER B 42 -6.47 -14.87 -6.87
N LYS B 43 -7.02 -15.67 -7.78
CA LYS B 43 -7.21 -17.07 -7.45
C LYS B 43 -6.00 -17.93 -7.74
N LEU B 44 -4.88 -17.30 -8.06
CA LEU B 44 -3.64 -18.06 -8.29
C LEU B 44 -3.19 -18.64 -6.95
N HIS B 45 -2.40 -19.69 -7.00
CA HIS B 45 -1.90 -20.32 -5.78
C HIS B 45 -0.94 -19.39 -5.06
N ASP B 46 -0.88 -19.51 -3.74
CA ASP B 46 0.03 -18.69 -2.95
C ASP B 46 1.41 -19.32 -2.96
N LEU B 47 2.45 -18.51 -2.81
CA LEU B 47 3.81 -19.01 -2.78
C LEU B 47 4.13 -19.45 -1.36
N ASP B 48 5.05 -20.39 -1.23
CA ASP B 48 5.44 -20.89 0.08
C ASP B 48 6.32 -19.85 0.78
N LYS B 49 7.16 -19.17 0.01
CA LYS B 49 8.06 -18.15 0.53
C LYS B 49 7.88 -16.83 -0.23
N LYS B 50 8.20 -15.71 0.42
CA LYS B 50 8.06 -14.43 -0.25
C LYS B 50 9.41 -13.77 -0.49
N LYS B 51 10.44 -14.23 0.22
CA LYS B 51 11.80 -13.69 0.11
C LYS B 51 12.70 -14.45 -0.85
N TYR B 52 13.21 -13.76 -1.87
CA TYR B 52 14.07 -14.38 -2.85
C TYR B 52 15.35 -13.58 -3.10
N LEU B 53 16.46 -14.29 -3.27
CA LEU B 53 17.75 -13.67 -3.58
C LEU B 53 18.02 -14.16 -4.99
N VAL B 54 17.87 -13.28 -5.96
CA VAL B 54 18.02 -13.68 -7.35
C VAL B 54 19.24 -13.10 -8.06
N PRO B 55 19.76 -13.82 -9.06
CA PRO B 55 20.93 -13.36 -9.81
C PRO B 55 20.61 -12.03 -10.52
N SER B 56 21.57 -11.12 -10.52
CA SER B 56 21.38 -9.83 -11.14
C SER B 56 21.07 -9.90 -12.64
N ASP B 57 21.66 -10.86 -13.34
CA ASP B 57 21.43 -10.98 -14.77
C ASP B 57 20.21 -11.83 -15.15
N LEU B 58 19.49 -12.34 -14.16
CA LEU B 58 18.30 -13.14 -14.44
C LEU B 58 17.29 -12.18 -15.06
N THR B 59 16.65 -12.60 -16.14
CA THR B 59 15.67 -11.73 -16.78
C THR B 59 14.29 -11.92 -16.17
N VAL B 60 13.42 -10.94 -16.40
CA VAL B 60 12.06 -11.01 -15.92
C VAL B 60 11.39 -12.24 -16.51
N GLY B 61 11.68 -12.51 -17.78
CA GLY B 61 11.12 -13.68 -18.44
C GLY B 61 11.52 -14.96 -17.73
N GLN B 62 12.78 -15.03 -17.34
CA GLN B 62 13.28 -16.21 -16.63
C GLN B 62 12.65 -16.28 -15.24
N PHE B 63 12.37 -15.12 -14.65
CA PHE B 63 11.77 -15.09 -13.32
C PHE B 63 10.33 -15.58 -13.43
N TYR B 64 9.65 -15.21 -14.52
CA TYR B 64 8.28 -15.66 -14.73
C TYR B 64 8.25 -17.18 -14.74
N PHE B 65 9.24 -17.77 -15.42
CA PHE B 65 9.36 -19.22 -15.52
C PHE B 65 9.49 -19.85 -14.14
N LEU B 66 10.40 -19.31 -13.34
CA LEU B 66 10.64 -19.83 -12.00
C LEU B 66 9.40 -19.72 -11.12
N ILE B 67 8.72 -18.58 -11.18
CA ILE B 67 7.53 -18.39 -10.37
C ILE B 67 6.41 -19.33 -10.84
N ARG B 68 6.25 -19.48 -12.15
CA ARG B 68 5.21 -20.36 -12.68
C ARG B 68 5.34 -21.75 -12.06
N LYS B 69 6.57 -22.22 -11.90
CA LYS B 69 6.82 -23.54 -11.33
C LYS B 69 6.39 -23.58 -9.86
N ARG B 70 6.68 -22.50 -9.14
CA ARG B 70 6.36 -22.42 -7.72
C ARG B 70 4.86 -22.27 -7.42
N ILE B 71 4.06 -21.89 -8.42
CA ILE B 71 2.63 -21.76 -8.20
C ILE B 71 1.86 -22.71 -9.13
N GLN B 72 2.58 -23.70 -9.63
CA GLN B 72 2.02 -24.73 -10.50
C GLN B 72 1.21 -24.22 -11.69
N LEU B 73 1.74 -23.27 -12.43
CA LEU B 73 1.05 -22.74 -13.59
C LEU B 73 1.60 -23.33 -14.89
N ARG B 74 0.72 -23.47 -15.88
CA ARG B 74 1.12 -23.98 -17.18
C ARG B 74 1.60 -22.78 -17.98
N PRO B 75 2.48 -23.02 -18.97
CA PRO B 75 3.02 -21.95 -19.81
C PRO B 75 1.97 -21.03 -20.42
N GLU B 76 0.82 -21.59 -20.77
CA GLU B 76 -0.26 -20.81 -21.37
C GLU B 76 -1.16 -20.09 -20.38
N ASP B 77 -1.03 -20.41 -19.09
CA ASP B 77 -1.86 -19.75 -18.07
C ASP B 77 -1.35 -18.34 -17.86
N ALA B 78 -2.27 -17.39 -17.71
CA ALA B 78 -1.90 -16.00 -17.51
C ALA B 78 -1.19 -15.70 -16.19
N LEU B 79 -0.11 -14.94 -16.27
CA LEU B 79 0.67 -14.53 -15.11
C LEU B 79 1.28 -13.17 -15.41
N PHE B 80 1.09 -12.22 -14.51
CA PHE B 80 1.62 -10.87 -14.67
C PHE B 80 2.35 -10.41 -13.43
N PHE B 81 3.45 -9.70 -13.62
CA PHE B 81 4.21 -9.14 -12.51
C PHE B 81 3.97 -7.63 -12.52
N PHE B 82 4.00 -7.02 -11.34
CA PHE B 82 3.85 -5.58 -11.23
C PHE B 82 4.98 -5.06 -10.36
N VAL B 83 5.71 -4.09 -10.90
CA VAL B 83 6.81 -3.45 -10.19
C VAL B 83 6.53 -1.96 -10.28
N ASN B 84 6.48 -1.30 -9.13
CA ASN B 84 6.18 0.13 -9.10
C ASN B 84 4.84 0.34 -9.81
N ASN B 85 3.95 -0.62 -9.59
CA ASN B 85 2.59 -0.62 -10.11
C ASN B 85 2.38 -0.78 -11.61
N VAL B 86 3.44 -1.13 -12.35
CA VAL B 86 3.33 -1.34 -13.78
C VAL B 86 3.95 -2.68 -14.17
N ILE B 87 3.60 -3.19 -15.35
CA ILE B 87 4.12 -4.47 -15.83
C ILE B 87 5.44 -4.30 -16.56
N PRO B 88 6.48 -5.04 -16.15
CA PRO B 88 7.80 -4.96 -16.78
C PRO B 88 7.96 -5.73 -18.08
N GLN B 89 9.05 -5.45 -18.79
CA GLN B 89 9.36 -6.13 -20.04
C GLN B 89 10.05 -7.43 -19.65
N THR B 90 9.83 -8.50 -20.41
CA THR B 90 10.46 -9.77 -20.07
C THR B 90 11.97 -9.76 -20.26
N MET B 91 12.47 -8.88 -21.12
CA MET B 91 13.90 -8.77 -21.40
C MET B 91 14.70 -8.05 -20.33
N THR B 92 14.04 -7.27 -19.50
CA THR B 92 14.71 -6.53 -18.44
C THR B 92 15.27 -7.52 -17.42
N THR B 93 16.44 -7.21 -16.86
CA THR B 93 17.04 -8.10 -15.88
C THR B 93 16.58 -7.66 -14.49
N MET B 94 16.70 -8.56 -13.53
CA MET B 94 16.30 -8.24 -12.16
C MET B 94 17.22 -7.15 -11.62
N GLY B 95 18.47 -7.15 -12.08
CA GLY B 95 19.40 -6.13 -11.63
C GLY B 95 18.99 -4.76 -12.14
N GLN B 96 18.48 -4.70 -13.36
CA GLN B 96 18.06 -3.42 -13.91
C GLN B 96 16.79 -2.93 -13.21
N LEU B 97 15.89 -3.85 -12.89
CA LEU B 97 14.67 -3.48 -12.18
C LEU B 97 15.03 -2.97 -10.79
N TYR B 98 15.96 -3.64 -10.13
CA TYR B 98 16.36 -3.22 -8.80
C TYR B 98 16.95 -1.81 -8.82
N GLN B 99 17.85 -1.57 -9.76
CA GLN B 99 18.49 -0.27 -9.90
C GLN B 99 17.49 0.87 -10.06
N ASP B 100 16.45 0.63 -10.86
CA ASP B 100 15.44 1.65 -11.11
C ASP B 100 14.29 1.71 -10.12
N HIS B 101 13.96 0.57 -9.53
CA HIS B 101 12.79 0.54 -8.65
C HIS B 101 12.88 -0.01 -7.23
N HIS B 102 14.07 -0.27 -6.71
CA HIS B 102 14.15 -0.77 -5.34
C HIS B 102 13.57 0.30 -4.42
N GLU B 103 12.93 -0.15 -3.34
CA GLU B 103 12.37 0.79 -2.38
C GLU B 103 13.45 1.26 -1.41
N GLU B 104 13.11 2.19 -0.53
CA GLU B 104 14.10 2.72 0.41
C GLU B 104 14.60 1.72 1.45
N ASP B 105 13.92 0.58 1.61
CA ASP B 105 14.38 -0.41 2.57
C ASP B 105 15.40 -1.31 1.88
N LEU B 106 15.67 -0.98 0.62
CA LEU B 106 16.63 -1.68 -0.25
C LEU B 106 16.15 -3.00 -0.83
N PHE B 107 14.84 -3.18 -0.88
CA PHE B 107 14.29 -4.40 -1.46
C PHE B 107 13.50 -4.06 -2.70
N LEU B 108 13.40 -5.02 -3.61
CA LEU B 108 12.61 -4.87 -4.82
C LEU B 108 11.32 -5.62 -4.57
N TYR B 109 10.18 -4.94 -4.74
CA TYR B 109 8.88 -5.55 -4.51
C TYR B 109 8.20 -5.91 -5.83
N ILE B 110 7.75 -7.16 -5.91
CA ILE B 110 7.09 -7.63 -7.10
C ILE B 110 5.79 -8.33 -6.74
N ALA B 111 4.69 -7.85 -7.32
CA ALA B 111 3.39 -8.47 -7.05
C ALA B 111 3.05 -9.32 -8.27
N TYR B 112 2.38 -10.45 -8.05
CA TYR B 112 1.98 -11.29 -9.18
C TYR B 112 0.48 -11.51 -9.18
N SER B 113 -0.06 -11.72 -10.37
CA SER B 113 -1.51 -11.93 -10.51
C SER B 113 -1.83 -12.59 -11.85
N ASP B 114 -3.08 -13.02 -11.98
CA ASP B 114 -3.54 -13.65 -13.21
C ASP B 114 -4.22 -12.57 -14.06
N GLU B 115 -4.39 -11.38 -13.49
CA GLU B 115 -5.04 -10.29 -14.20
C GLU B 115 -4.10 -9.11 -14.47
N SER B 116 -4.35 -8.42 -15.57
CA SER B 116 -3.51 -7.28 -15.97
C SER B 116 -4.09 -5.91 -15.69
N VAL B 117 -5.39 -5.85 -15.39
CA VAL B 117 -6.04 -4.57 -15.14
C VAL B 117 -6.63 -4.47 -13.75
N TYR B 118 -6.55 -3.26 -13.18
CA TYR B 118 -7.05 -2.99 -11.83
C TYR B 118 -7.58 -1.57 -11.72
N GLY B 119 -8.66 -1.40 -10.96
CA GLY B 119 -9.23 -0.08 -10.77
C GLY B 119 -8.52 0.67 -9.65
N TRP C 1 -3.39 12.76 18.15
CA TRP C 1 -4.86 12.77 17.89
C TRP C 1 -5.49 14.10 18.23
N GLU C 2 -6.38 14.57 17.37
CA GLU C 2 -7.10 15.80 17.62
C GLU C 2 -8.39 15.81 16.83
N GLU C 3 -9.37 16.55 17.33
CA GLU C 3 -10.67 16.67 16.68
C GLU C 3 -10.43 17.36 15.34
N LEU C 4 -10.99 16.80 14.27
CA LEU C 4 -10.82 17.39 12.94
C LEU C 4 -11.44 18.78 12.91
N TRP D 1 15.50 -16.35 3.16
CA TRP D 1 15.71 -16.02 1.72
C TRP D 1 15.95 -17.28 0.88
N GLU D 2 15.43 -17.28 -0.34
CA GLU D 2 15.58 -18.41 -1.24
C GLU D 2 16.51 -18.04 -2.39
N GLU D 3 17.66 -18.69 -2.46
CA GLU D 3 18.62 -18.42 -3.52
C GLU D 3 18.15 -19.09 -4.80
N LEU D 4 17.96 -18.30 -5.85
CA LEU D 4 17.52 -18.83 -7.13
C LEU D 4 18.65 -18.85 -8.14
#